data_6MAO
#
_entry.id   6MAO
#
_cell.length_a   85.670
_cell.length_b   85.670
_cell.length_c   55.460
_cell.angle_alpha   90.000
_cell.angle_beta   90.000
_cell.angle_gamma   120.000
#
_symmetry.space_group_name_H-M   'P 63'
#
loop_
_entity.id
_entity.type
_entity.pdbx_description
1 polymer "Deoxyuridine 5'-triphosphate nucleotidohydrolase"
2 non-polymer "2'-DEOXYURIDINE 5'-MONOPHOSPHATE"
3 non-polymer (4S)-2-METHYL-2,4-PENTANEDIOL
4 non-polymer 'SULFATE ION'
5 water water
#
_entity_poly.entity_id   1
_entity_poly.type   'polypeptide(L)'
_entity_poly.pdbx_seq_one_letter_code
;MAHHHHHHMHQVIQLKILDSRIGDTIPLPAYATDGSAGLDLRVCISEPMQVAPQQTVLLPTGIAIYIADPKLAAVILPRS
GLGHKNGIVLGNLVGLIDSDYQGELKISCWNRSQEHFTVNPGDRIAQLVFIPVVQASFEVVNEFTESSRGEGGFGSSGRY
;
_entity_poly.pdbx_strand_id   A
#
loop_
_chem_comp.id
_chem_comp.type
_chem_comp.name
_chem_comp.formula
MPD non-polymer (4S)-2-METHYL-2,4-PENTANEDIOL 'C6 H14 O2'
SO4 non-polymer 'SULFATE ION' 'O4 S -2'
UMP non-polymer '2'-DEOXYURIDINE 5'-MONOPHOSPHATE' 'C9 H13 N2 O8 P'
#
# COMPACT_ATOMS: atom_id res chain seq x y z
N HIS A 10 3.18 2.85 20.59
CA HIS A 10 2.42 2.61 19.37
C HIS A 10 1.14 3.44 19.32
N GLN A 11 0.49 3.48 18.15
CA GLN A 11 -0.78 4.18 17.95
C GLN A 11 -1.83 3.21 17.44
N VAL A 12 -3.05 3.31 17.94
CA VAL A 12 -4.10 2.36 17.59
C VAL A 12 -4.80 2.81 16.30
N ILE A 13 -4.90 1.89 15.35
CA ILE A 13 -5.57 2.13 14.07
C ILE A 13 -6.67 1.10 13.93
N GLN A 14 -7.90 1.54 13.72
CA GLN A 14 -9.00 0.59 13.54
C GLN A 14 -8.89 -0.06 12.18
N LEU A 15 -9.22 -1.35 12.14
CA LEU A 15 -9.13 -2.14 10.91
C LEU A 15 -10.42 -2.94 10.77
N LYS A 16 -11.03 -2.89 9.59
CA LYS A 16 -12.23 -3.66 9.31
C LYS A 16 -11.89 -4.72 8.26
N ILE A 17 -12.23 -5.98 8.55
CA ILE A 17 -11.94 -7.06 7.63
C ILE A 17 -13.07 -7.15 6.61
N LEU A 18 -12.72 -7.05 5.32
CA LEU A 18 -13.73 -7.06 4.27
C LEU A 18 -13.84 -8.41 3.57
N ASP A 19 -12.84 -9.27 3.72
CA ASP A 19 -12.84 -10.59 3.10
C ASP A 19 -12.49 -11.63 4.16
N SER A 20 -13.35 -12.64 4.32
CA SER A 20 -13.19 -13.61 5.40
C SER A 20 -11.88 -14.40 5.34
N ARG A 21 -11.14 -14.36 4.23
CA ARG A 21 -9.83 -15.00 4.24
C ARG A 21 -8.84 -14.29 5.15
N ILE A 22 -9.01 -12.98 5.35
CA ILE A 22 -8.02 -12.22 6.11
C ILE A 22 -8.03 -12.68 7.56
N GLY A 23 -6.86 -12.95 8.11
CA GLY A 23 -6.75 -13.50 9.44
C GLY A 23 -6.94 -15.00 9.52
N ASP A 24 -7.42 -15.63 8.46
CA ASP A 24 -7.53 -17.08 8.39
C ASP A 24 -6.42 -17.60 7.49
N THR A 25 -6.61 -17.51 6.17
CA THR A 25 -5.60 -18.00 5.24
C THR A 25 -4.65 -16.91 4.76
N ILE A 26 -4.97 -15.64 4.95
CA ILE A 26 -4.11 -14.52 4.58
C ILE A 26 -3.92 -13.67 5.83
N PRO A 27 -2.72 -13.52 6.34
CA PRO A 27 -2.56 -12.84 7.64
C PRO A 27 -2.82 -11.35 7.53
N LEU A 28 -3.19 -10.77 8.68
CA LEU A 28 -3.28 -9.33 8.80
C LEU A 28 -1.89 -8.71 8.59
N PRO A 29 -1.82 -7.44 8.19
CA PRO A 29 -0.50 -6.81 8.05
C PRO A 29 0.17 -6.76 9.41
N ALA A 30 1.48 -6.97 9.44
CA ALA A 30 2.22 -6.92 10.69
C ALA A 30 3.66 -6.50 10.41
N TYR A 31 4.27 -5.87 11.40
CA TYR A 31 5.68 -5.53 11.29
C TYR A 31 6.51 -6.81 11.40
N ALA A 32 7.43 -7.00 10.45
CA ALA A 32 8.28 -8.18 10.49
C ALA A 32 9.18 -8.19 11.72
N THR A 33 9.71 -7.03 12.10
CA THR A 33 10.64 -6.93 13.22
C THR A 33 10.26 -5.70 14.06
N ASP A 34 10.82 -5.63 15.27
CA ASP A 34 10.56 -4.48 16.13
C ASP A 34 11.02 -3.17 15.49
N GLY A 35 12.06 -3.22 14.66
CA GLY A 35 12.60 -2.03 14.02
C GLY A 35 12.11 -1.75 12.61
N SER A 36 11.12 -2.50 12.12
CA SER A 36 10.58 -2.27 10.79
C SER A 36 9.79 -0.97 10.72
N ALA A 37 10.01 -0.24 9.63
CA ALA A 37 9.25 0.98 9.42
C ALA A 37 7.90 0.73 8.78
N GLY A 38 7.77 -0.33 7.99
CA GLY A 38 6.57 -0.58 7.23
C GLY A 38 6.01 -1.97 7.50
N LEU A 39 4.79 -2.17 7.01
CA LEU A 39 4.08 -3.45 7.07
C LEU A 39 3.85 -3.95 5.65
N ASP A 40 4.13 -5.21 5.39
CA ASP A 40 3.84 -5.75 4.07
C ASP A 40 2.33 -5.88 3.87
N LEU A 41 1.88 -5.50 2.68
CA LEU A 41 0.47 -5.53 2.31
C LEU A 41 0.24 -6.67 1.34
N ARG A 42 -0.69 -7.56 1.66
CA ARG A 42 -1.01 -8.73 0.86
C ARG A 42 -2.26 -8.50 0.02
N VAL A 43 -2.36 -9.20 -1.11
CA VAL A 43 -3.50 -9.04 -2.00
C VAL A 43 -4.50 -10.18 -1.76
N CYS A 44 -5.77 -9.84 -1.88
CA CYS A 44 -6.86 -10.76 -1.59
C CYS A 44 -7.59 -11.07 -2.89
N ILE A 45 -6.98 -11.90 -3.71
CA ILE A 45 -7.57 -12.39 -4.95
C ILE A 45 -7.83 -13.87 -4.80
N SER A 46 -8.71 -14.42 -5.64
CA SER A 46 -9.13 -15.82 -5.51
CA SER A 46 -9.15 -15.81 -5.53
C SER A 46 -8.34 -16.78 -6.38
N GLU A 47 -7.65 -16.29 -7.41
CA GLU A 47 -6.86 -17.15 -8.29
C GLU A 47 -5.64 -16.36 -8.70
N PRO A 48 -4.57 -17.04 -9.14
CA PRO A 48 -3.37 -16.31 -9.56
C PRO A 48 -3.69 -15.37 -10.70
N MET A 49 -3.06 -14.20 -10.68
CA MET A 49 -3.27 -13.18 -11.70
C MET A 49 -1.96 -12.83 -12.40
N GLN A 50 -1.99 -12.81 -13.73
CA GLN A 50 -0.86 -12.38 -14.54
C GLN A 50 -0.84 -10.87 -14.71
N VAL A 51 0.35 -10.29 -14.60
CA VAL A 51 0.54 -8.86 -14.86
C VAL A 51 1.56 -8.81 -15.98
N ALA A 52 1.11 -8.43 -17.17
CA ALA A 52 1.96 -8.39 -18.34
C ALA A 52 2.87 -7.18 -18.30
N PRO A 53 3.94 -7.15 -19.11
CA PRO A 53 4.76 -5.95 -19.21
C PRO A 53 3.91 -4.73 -19.50
N GLN A 54 4.15 -3.65 -18.74
CA GLN A 54 3.50 -2.34 -18.85
C GLN A 54 2.05 -2.33 -18.35
N GLN A 55 1.52 -3.48 -17.91
CA GLN A 55 0.14 -3.55 -17.45
C GLN A 55 -0.01 -2.99 -16.03
N THR A 56 -1.14 -2.32 -15.79
CA THR A 56 -1.56 -1.89 -14.45
C THR A 56 -2.83 -2.64 -14.09
N VAL A 57 -2.87 -3.26 -12.89
CA VAL A 57 -4.06 -3.91 -12.41
CA VAL A 57 -4.06 -3.94 -12.40
C VAL A 57 -4.37 -3.44 -11.00
N LEU A 58 -5.65 -3.28 -10.68
CA LEU A 58 -6.07 -2.84 -9.36
C LEU A 58 -6.27 -4.07 -8.47
N LEU A 59 -5.51 -4.17 -7.39
CA LEU A 59 -5.55 -5.37 -6.56
C LEU A 59 -6.12 -5.08 -5.18
N PRO A 60 -7.14 -5.78 -4.74
CA PRO A 60 -7.72 -5.53 -3.42
C PRO A 60 -6.89 -6.17 -2.31
N THR A 61 -7.00 -5.59 -1.10
CA THR A 61 -6.37 -6.13 0.10
C THR A 61 -7.34 -6.85 1.03
N GLY A 62 -8.65 -6.65 0.87
CA GLY A 62 -9.59 -7.27 1.78
C GLY A 62 -9.68 -6.60 3.13
N ILE A 63 -9.02 -5.46 3.32
CA ILE A 63 -9.06 -4.74 4.58
C ILE A 63 -9.34 -3.27 4.32
N ALA A 64 -9.99 -2.62 5.30
CA ALA A 64 -10.10 -1.16 5.35
C ALA A 64 -9.49 -0.68 6.65
N ILE A 65 -8.81 0.47 6.64
CA ILE A 65 -8.33 1.06 7.90
C ILE A 65 -8.96 2.44 8.12
N TYR A 66 -8.94 2.89 9.37
CA TYR A 66 -9.43 4.22 9.72
C TYR A 66 -8.39 4.86 10.63
N ILE A 67 -7.55 5.70 10.05
CA ILE A 67 -6.47 6.31 10.81
C ILE A 67 -7.00 7.30 11.83
N ALA A 68 -8.01 8.09 11.43
CA ALA A 68 -8.82 9.00 12.26
C ALA A 68 -8.08 10.25 12.69
N ASP A 69 -6.85 10.11 13.14
CA ASP A 69 -6.07 11.23 13.65
C ASP A 69 -5.52 12.05 12.48
N PRO A 70 -5.92 13.32 12.33
CA PRO A 70 -5.47 14.11 11.17
C PRO A 70 -4.00 14.50 11.20
N LYS A 71 -3.27 14.21 12.27
CA LYS A 71 -1.83 14.40 12.29
C LYS A 71 -1.08 13.17 11.77
N LEU A 72 -1.79 12.19 11.27
CA LEU A 72 -1.22 10.94 10.81
C LEU A 72 -1.76 10.61 9.43
N ALA A 73 -0.92 10.03 8.58
CA ALA A 73 -1.33 9.49 7.29
C ALA A 73 -0.60 8.17 7.12
N ALA A 74 -0.85 7.50 5.99
CA ALA A 74 -0.06 6.33 5.61
C ALA A 74 0.28 6.42 4.14
N VAL A 75 1.40 5.84 3.76
CA VAL A 75 1.74 5.73 2.34
C VAL A 75 1.92 4.26 1.98
N ILE A 76 1.55 3.94 0.75
CA ILE A 76 1.78 2.63 0.15
C ILE A 76 2.95 2.77 -0.79
N LEU A 77 3.96 1.91 -0.62
CA LEU A 77 5.20 1.98 -1.39
C LEU A 77 5.44 0.62 -2.03
N PRO A 78 6.19 0.59 -3.13
CA PRO A 78 6.63 -0.72 -3.66
C PRO A 78 7.48 -1.47 -2.64
N ARG A 79 7.49 -2.79 -2.75
CA ARG A 79 8.50 -3.56 -2.05
C ARG A 79 9.83 -3.44 -2.80
N SER A 80 10.93 -3.47 -2.06
CA SER A 80 12.21 -3.14 -2.67
CA SER A 80 12.21 -3.15 -2.66
C SER A 80 12.65 -4.24 -3.63
N GLY A 81 12.56 -5.51 -3.22
CA GLY A 81 12.98 -6.59 -4.10
C GLY A 81 12.10 -6.73 -5.33
N LEU A 82 10.77 -6.73 -5.13
CA LEU A 82 9.87 -6.79 -6.29
C LEU A 82 10.14 -5.65 -7.26
N GLY A 83 10.35 -4.44 -6.73
CA GLY A 83 10.54 -3.31 -7.61
C GLY A 83 11.87 -3.38 -8.34
N HIS A 84 12.93 -3.71 -7.61
CA HIS A 84 14.26 -3.76 -8.22
C HIS A 84 14.40 -4.96 -9.15
N LYS A 85 14.01 -6.14 -8.67
N LYS A 85 13.99 -6.13 -8.67
CA LYS A 85 14.26 -7.36 -9.42
CA LYS A 85 14.26 -7.38 -9.39
C LYS A 85 13.23 -7.58 -10.51
C LYS A 85 13.23 -7.67 -10.47
N ASN A 86 11.95 -7.37 -10.20
CA ASN A 86 10.88 -7.75 -11.10
C ASN A 86 10.15 -6.57 -11.71
N GLY A 87 10.53 -5.35 -11.34
CA GLY A 87 9.80 -4.18 -11.84
C GLY A 87 8.34 -4.16 -11.44
N ILE A 88 7.99 -4.79 -10.32
CA ILE A 88 6.61 -4.80 -9.83
C ILE A 88 6.50 -3.66 -8.82
N VAL A 89 5.86 -2.56 -9.23
CA VAL A 89 5.80 -1.31 -8.47
C VAL A 89 4.35 -0.84 -8.46
N LEU A 90 4.13 0.46 -8.30
CA LEU A 90 2.80 1.03 -8.14
C LEU A 90 2.50 1.94 -9.31
N GLY A 91 1.29 1.83 -9.89
CA GLY A 91 0.94 2.68 -11.03
C GLY A 91 0.81 4.15 -10.66
N ASN A 92 0.45 4.44 -9.41
CA ASN A 92 0.44 5.81 -8.91
C ASN A 92 1.71 6.15 -8.16
N LEU A 93 2.71 5.26 -8.22
CA LEU A 93 4.07 5.43 -7.69
C LEU A 93 4.10 5.36 -6.16
N VAL A 94 3.33 6.22 -5.50
CA VAL A 94 3.19 6.27 -4.04
C VAL A 94 1.70 6.48 -3.74
N GLY A 95 1.09 5.60 -2.94
CA GLY A 95 -0.31 5.78 -2.58
C GLY A 95 -0.38 6.52 -1.25
N LEU A 96 -1.24 7.54 -1.17
CA LEU A 96 -1.37 8.33 0.04
C LEU A 96 -2.73 8.02 0.67
N ILE A 97 -2.74 7.57 1.93
CA ILE A 97 -3.96 7.22 2.65
C ILE A 97 -4.26 8.35 3.64
N ASP A 98 -5.37 9.06 3.43
CA ASP A 98 -5.81 10.14 4.30
C ASP A 98 -6.38 9.61 5.62
N SER A 99 -6.31 10.45 6.67
CA SER A 99 -6.81 10.00 7.97
C SER A 99 -8.31 9.74 7.95
N ASP A 100 -9.06 10.38 7.06
CA ASP A 100 -10.51 10.19 7.06
C ASP A 100 -10.96 9.21 5.98
N TYR A 101 -10.03 8.52 5.31
CA TYR A 101 -10.42 7.47 4.37
C TYR A 101 -10.86 6.22 5.12
N GLN A 102 -12.00 5.66 4.73
CA GLN A 102 -12.50 4.44 5.35
C GLN A 102 -12.80 3.32 4.36
N GLY A 103 -12.42 3.45 3.09
CA GLY A 103 -12.68 2.42 2.11
C GLY A 103 -11.60 1.34 2.13
N GLU A 104 -11.78 0.34 1.28
CA GLU A 104 -10.79 -0.73 1.19
C GLU A 104 -9.46 -0.16 0.73
N LEU A 105 -8.37 -0.63 1.32
CA LEU A 105 -7.06 -0.36 0.76
C LEU A 105 -6.88 -1.14 -0.54
N LYS A 106 -6.48 -0.44 -1.61
CA LYS A 106 -6.28 -1.06 -2.91
C LYS A 106 -4.89 -0.70 -3.42
N ILE A 107 -4.30 -1.62 -4.15
CA ILE A 107 -2.95 -1.44 -4.69
C ILE A 107 -3.06 -1.27 -6.20
N SER A 108 -2.49 -0.18 -6.72
CA SER A 108 -2.33 -0.01 -8.16
C SER A 108 -1.03 -0.71 -8.53
N CYS A 109 -1.13 -1.95 -8.99
CA CYS A 109 0.06 -2.74 -9.26
C CYS A 109 0.46 -2.55 -10.73
N TRP A 110 1.64 -1.99 -10.96
CA TRP A 110 2.12 -1.68 -12.30
C TRP A 110 3.40 -2.47 -12.57
N ASN A 111 3.42 -3.24 -13.65
CA ASN A 111 4.61 -3.98 -14.08
C ASN A 111 5.42 -3.09 -15.02
N ARG A 112 6.50 -2.49 -14.53
CA ARG A 112 7.33 -1.62 -15.36
C ARG A 112 8.41 -2.40 -16.10
N SER A 113 8.47 -3.71 -15.94
CA SER A 113 9.53 -4.51 -16.55
C SER A 113 9.09 -5.05 -17.90
N GLN A 114 9.97 -5.81 -18.55
CA GLN A 114 9.66 -6.51 -19.80
C GLN A 114 9.37 -7.99 -19.59
N GLU A 115 9.13 -8.43 -18.35
CA GLU A 115 8.85 -9.83 -18.05
CA GLU A 115 8.84 -9.82 -18.06
C GLU A 115 7.47 -9.95 -17.43
N HIS A 116 6.70 -10.96 -17.89
CA HIS A 116 5.44 -11.30 -17.25
C HIS A 116 5.66 -11.72 -15.80
N PHE A 117 4.68 -11.41 -14.94
CA PHE A 117 4.80 -11.66 -13.51
C PHE A 117 3.49 -12.26 -13.00
N THR A 118 3.58 -13.25 -12.13
CA THR A 118 2.39 -13.86 -11.54
C THR A 118 2.22 -13.42 -10.09
N VAL A 119 1.02 -12.96 -9.74
CA VAL A 119 0.67 -12.61 -8.37
C VAL A 119 -0.24 -13.74 -7.86
N ASN A 120 0.16 -14.40 -6.76
CA ASN A 120 -0.66 -15.44 -6.18
C ASN A 120 -1.56 -14.87 -5.10
N PRO A 121 -2.69 -15.50 -4.81
CA PRO A 121 -3.49 -15.12 -3.64
C PRO A 121 -2.63 -15.03 -2.39
N GLY A 122 -2.75 -13.91 -1.66
CA GLY A 122 -2.04 -13.72 -0.41
C GLY A 122 -0.63 -13.19 -0.55
N ASP A 123 -0.13 -12.98 -1.76
CA ASP A 123 1.24 -12.48 -1.93
C ASP A 123 1.37 -11.07 -1.39
N ARG A 124 2.54 -10.77 -0.81
CA ARG A 124 2.91 -9.41 -0.42
C ARG A 124 3.36 -8.64 -1.64
N ILE A 125 2.67 -7.55 -1.94
CA ILE A 125 2.92 -6.82 -3.18
C ILE A 125 3.35 -5.38 -2.93
N ALA A 126 3.11 -4.83 -1.74
CA ALA A 126 3.49 -3.45 -1.44
C ALA A 126 3.79 -3.39 0.05
N GLN A 127 4.15 -2.20 0.52
CA GLN A 127 4.28 -2.01 1.96
C GLN A 127 3.57 -0.73 2.39
N LEU A 128 3.11 -0.74 3.63
CA LEU A 128 2.34 0.35 4.22
C LEU A 128 3.17 0.99 5.34
N VAL A 129 3.30 2.31 5.32
CA VAL A 129 4.08 3.04 6.31
C VAL A 129 3.22 4.16 6.91
N PHE A 130 3.09 4.19 8.24
CA PHE A 130 2.38 5.27 8.93
C PHE A 130 3.35 6.41 9.24
N ILE A 131 3.01 7.61 8.79
CA ILE A 131 3.87 8.78 8.94
C ILE A 131 3.09 9.94 9.54
N PRO A 132 3.70 10.75 10.38
CA PRO A 132 3.04 12.01 10.78
C PRO A 132 3.02 12.97 9.61
N VAL A 133 1.96 13.77 9.56
CA VAL A 133 1.82 14.81 8.53
C VAL A 133 1.41 16.09 9.24
N VAL A 134 1.66 17.22 8.56
CA VAL A 134 1.35 18.54 9.10
C VAL A 134 0.31 19.16 8.18
N GLN A 135 -0.75 19.71 8.74
CA GLN A 135 -1.73 20.45 7.95
C GLN A 135 -1.31 21.92 7.98
N ALA A 136 -0.91 22.43 6.83
CA ALA A 136 -0.42 23.79 6.70
C ALA A 136 -1.58 24.75 6.53
N SER A 137 -1.42 25.96 7.05
CA SER A 137 -2.25 27.07 6.62
C SER A 137 -1.35 28.09 5.91
N PHE A 138 -1.82 28.59 4.79
CA PHE A 138 -1.01 29.54 4.05
C PHE A 138 -1.24 30.96 4.53
N GLU A 139 -0.19 31.77 4.40
CA GLU A 139 -0.24 33.21 4.52
C GLU A 139 0.30 33.77 3.22
N VAL A 140 -0.57 34.42 2.45
CA VAL A 140 -0.17 34.98 1.15
C VAL A 140 0.59 36.26 1.40
N VAL A 141 1.81 36.34 0.86
CA VAL A 141 2.67 37.51 1.07
C VAL A 141 3.17 38.03 -0.27
N ASN A 142 3.59 39.29 -0.26
CA ASN A 142 4.20 39.86 -1.46
C ASN A 142 5.66 39.46 -1.59
N GLU A 143 6.37 39.38 -0.47
CA GLU A 143 7.76 38.95 -0.41
C GLU A 143 7.92 38.06 0.81
N PHE A 144 8.81 37.07 0.71
CA PHE A 144 9.08 36.19 1.84
C PHE A 144 9.87 36.93 2.91
N THR A 145 9.61 36.60 4.18
CA THR A 145 10.35 37.16 5.29
C THR A 145 10.74 36.05 6.25
N GLU A 146 11.63 36.39 7.18
CA GLU A 146 12.07 35.49 8.23
C GLU A 146 11.22 35.67 9.49
N1 UMP B . -6.01 4.92 -1.83
C2 UMP B . -5.77 3.56 -1.90
N3 UMP B . -4.61 3.20 -2.56
C4 UMP B . -3.71 4.05 -3.15
C5 UMP B . -4.03 5.44 -3.08
C6 UMP B . -5.15 5.83 -2.43
O2 UMP B . -6.56 2.72 -1.48
O4 UMP B . -2.69 3.57 -3.68
C1' UMP B . -7.13 5.37 -0.99
C2' UMP B . -6.70 6.20 0.23
C3' UMP B . -7.04 7.62 -0.16
C4' UMP B . -8.30 7.39 -1.01
O3' UMP B . -7.26 8.44 1.00
O4' UMP B . -7.97 6.21 -1.78
C5' UMP B . -8.74 8.51 -1.91
O5' UMP B . -7.76 8.72 -2.95
P UMP B . -7.68 10.16 -3.65
OP1 UMP B . -8.55 11.14 -2.92
OP2 UMP B . -6.18 10.52 -3.63
OP3 UMP B . -8.12 9.97 -5.12
C1 MPD C . -5.52 3.18 -6.44
C2 MPD C . -6.88 3.86 -6.32
O2 MPD C . -6.79 5.26 -6.69
CM MPD C . -7.36 3.76 -4.87
C3 MPD C . -7.89 3.21 -7.26
C4 MPD C . -8.94 4.23 -7.69
O4 MPD C . -8.49 4.88 -8.84
C5 MPD C . -10.27 3.56 -7.98
S SO4 D . 4.84 -15.18 2.56
O1 SO4 D . 4.28 -16.51 2.71
O2 SO4 D . 4.28 -14.54 1.37
O3 SO4 D . 4.51 -14.38 3.75
O4 SO4 D . 6.29 -15.26 2.42
#